data_4A2X
#
_entry.id   4A2X
#
_cell.length_a   216.020
_cell.length_b   90.640
_cell.length_c   62.960
_cell.angle_alpha   90.00
_cell.angle_beta   90.38
_cell.angle_gamma   90.00
#
_symmetry.space_group_name_H-M   'C 1 2 1'
#
loop_
_entity.id
_entity.type
_entity.pdbx_description
1 polymer 'RETINOIC ACID INDUCIBLE PROTEIN I'
2 polymer "5'-R(*GP*GP*GP*AP*GP*AP*AP*CP*AP*AP*CP*GP*CP*GP)-3'"
3 polymer "5'-R(*CP*GP*CP*GP*UP*UP*GP*UP*UP*CP*UP*CP*CP*CP)-3'"
4 non-polymer 'ZINC ION'
#
loop_
_entity_poly.entity_id
_entity_poly.type
_entity_poly.pdbx_seq_one_letter_code
_entity_poly.pdbx_strand_id
1 'polypeptide(L)'
;GAMGQKNLLCGKCKAYACSTDDIRIIKDSHHIVLGEAFKERYTTKPHKKPMQFDGFEKKSKMYCRNNNCQHDWGITVKYL
TFDNLPVIKIKSFVMESTATGTQMDFQKWKSINSSLKNFDVEEMSNLYPPF
;
A,B,C,D
2 'polyribonucleotide' GGGAGAACAACGCG L,N
3 'polyribonucleotide' CGCGUUGUUCUCCC M,O
#
# COMPACT_ATOMS: atom_id res chain seq x y z
N GLN A 5 16.46 -2.64 45.01
CA GLN A 5 17.74 -2.11 44.49
C GLN A 5 17.47 -1.13 43.35
N LYS A 6 16.97 -1.65 42.22
CA LYS A 6 16.72 -0.84 41.03
C LYS A 6 15.25 -0.75 40.67
N ASN A 7 14.86 0.41 40.13
CA ASN A 7 13.47 0.71 39.85
C ASN A 7 13.07 0.44 38.41
N LEU A 8 11.84 -0.06 38.24
CA LEU A 8 11.25 -0.28 36.93
C LEU A 8 10.31 0.87 36.56
N LEU A 9 10.31 1.25 35.29
CA LEU A 9 9.40 2.29 34.79
C LEU A 9 8.58 1.76 33.62
N CYS A 10 7.36 2.27 33.50
CA CYS A 10 6.50 1.95 32.37
C CYS A 10 7.27 2.22 31.10
N GLY A 11 7.51 1.19 30.30
CA GLY A 11 8.25 1.36 29.06
C GLY A 11 7.71 2.49 28.19
N LYS A 12 6.40 2.64 28.16
CA LYS A 12 5.76 3.63 27.30
C LYS A 12 5.81 5.04 27.88
N CYS A 13 5.30 5.22 29.09
CA CYS A 13 5.21 6.57 29.69
C CYS A 13 6.25 6.87 30.78
N LYS A 14 7.09 5.89 31.11
CA LYS A 14 8.18 6.07 32.07
C LYS A 14 7.75 6.37 33.51
N ALA A 15 6.45 6.28 33.79
CA ALA A 15 5.97 6.44 35.17
C ALA A 15 6.52 5.31 36.04
N TYR A 16 6.71 5.60 37.31
CA TYR A 16 7.32 4.63 38.22
C TYR A 16 6.43 3.41 38.30
N ALA A 17 7.03 2.24 38.11
CA ALA A 17 6.32 0.96 38.19
C ALA A 17 6.49 0.35 39.56
N CYS A 18 7.66 -0.24 39.82
CA CYS A 18 7.96 -0.86 41.11
C CYS A 18 9.47 -1.04 41.29
N SER A 19 9.88 -1.54 42.46
CA SER A 19 11.30 -1.86 42.70
C SER A 19 11.57 -3.34 42.41
N THR A 20 12.82 -3.69 42.15
CA THR A 20 13.19 -5.08 41.95
C THR A 20 13.03 -5.88 43.24
N ASP A 21 13.20 -5.23 44.39
CA ASP A 21 12.96 -5.86 45.70
C ASP A 21 11.51 -6.32 45.91
N ASP A 22 10.59 -5.75 45.14
CA ASP A 22 9.17 -6.04 45.28
C ASP A 22 8.72 -7.14 44.31
N ILE A 23 9.65 -7.65 43.51
CA ILE A 23 9.36 -8.69 42.52
C ILE A 23 9.71 -10.08 43.07
N ARG A 24 8.89 -11.07 42.72
CA ARG A 24 9.18 -12.46 43.03
C ARG A 24 8.96 -13.34 41.81
N ILE A 25 9.71 -14.43 41.73
CA ILE A 25 9.63 -15.34 40.59
C ILE A 25 8.95 -16.63 40.99
N ILE A 26 7.86 -16.95 40.31
CA ILE A 26 7.18 -18.23 40.51
C ILE A 26 7.52 -19.15 39.36
N LYS A 27 8.01 -20.33 39.68
CA LYS A 27 8.33 -21.35 38.68
C LYS A 27 9.28 -20.83 37.57
N ASP A 28 10.25 -20.02 37.96
CA ASP A 28 11.33 -19.57 37.07
C ASP A 28 10.85 -19.01 35.74
N SER A 29 9.82 -18.17 35.79
CA SER A 29 9.24 -17.64 34.57
C SER A 29 8.43 -16.39 34.84
N HIS A 30 7.47 -16.51 35.75
CA HIS A 30 6.49 -15.47 35.99
C HIS A 30 6.98 -14.49 36.98
N HIS A 31 6.77 -13.21 36.67
CA HIS A 31 7.19 -12.14 37.54
C HIS A 31 6.02 -11.50 38.18
N ILE A 32 5.88 -11.73 39.49
CA ILE A 32 4.79 -11.11 40.24
C ILE A 32 5.36 -9.97 41.09
N VAL A 33 4.50 -9.06 41.55
CA VAL A 33 4.92 -7.87 42.26
C VAL A 33 4.16 -7.69 43.56
N LEU A 34 4.88 -7.74 44.67
CA LEU A 34 4.26 -7.66 46.00
C LEU A 34 3.78 -6.26 46.34
N GLY A 35 2.93 -6.17 47.36
CA GLY A 35 2.63 -4.90 47.99
C GLY A 35 1.41 -4.23 47.41
N GLU A 36 0.60 -3.63 48.28
CA GLU A 36 -0.65 -3.01 47.87
C GLU A 36 -0.44 -1.64 47.23
N ALA A 37 0.75 -1.06 47.47
CA ALA A 37 1.14 0.20 46.84
C ALA A 37 1.05 0.05 45.34
N PHE A 38 1.72 -0.96 44.81
CA PHE A 38 1.78 -1.20 43.37
C PHE A 38 0.41 -1.14 42.69
N LYS A 39 -0.60 -1.73 43.33
CA LYS A 39 -1.93 -1.85 42.75
C LYS A 39 -2.57 -0.50 42.41
N GLU A 40 -2.17 0.55 43.13
CA GLU A 40 -2.59 1.91 42.82
C GLU A 40 -2.04 2.42 41.49
N ARG A 41 -1.03 1.75 40.95
CA ARG A 41 -0.34 2.27 39.78
C ARG A 41 -0.81 1.64 38.46
N TYR A 42 -1.68 0.65 38.55
CA TYR A 42 -2.32 0.08 37.36
C TYR A 42 -3.82 -0.01 37.51
N THR A 43 -4.51 -0.12 36.37
CA THR A 43 -5.93 -0.42 36.34
C THR A 43 -6.10 -1.74 35.61
N THR A 44 -7.28 -2.36 35.77
CA THR A 44 -7.56 -3.62 35.12
C THR A 44 -8.90 -3.65 34.41
N LYS A 45 -8.92 -4.35 33.28
CA LYS A 45 -10.11 -4.67 32.52
C LYS A 45 -10.15 -6.17 32.36
N PRO A 46 -11.36 -6.74 32.33
CA PRO A 46 -11.46 -8.20 32.29
C PRO A 46 -10.88 -8.82 31.03
N HIS A 47 -10.54 -10.09 31.13
CA HIS A 47 -9.95 -10.85 30.01
C HIS A 47 -11.00 -11.26 29.01
N LYS A 48 -10.71 -11.06 27.73
CA LYS A 48 -11.63 -11.49 26.66
C LYS A 48 -11.90 -12.99 26.75
N LYS A 49 -10.82 -13.78 26.75
CA LYS A 49 -10.86 -15.24 26.64
C LYS A 49 -10.12 -15.87 27.83
N PRO A 50 -10.85 -16.65 28.66
CA PRO A 50 -10.23 -17.21 29.86
C PRO A 50 -9.10 -18.17 29.56
N MET A 51 -8.00 -18.09 30.31
CA MET A 51 -7.02 -19.18 30.32
C MET A 51 -6.46 -19.48 31.71
N GLN A 52 -6.54 -20.76 32.08
CA GLN A 52 -5.73 -21.33 33.15
C GLN A 52 -4.50 -22.06 32.56
N PHE A 53 -3.35 -21.87 33.22
CA PHE A 53 -2.11 -22.54 32.86
C PHE A 53 -1.15 -22.39 34.05
N ASP A 54 -0.20 -23.32 34.17
CA ASP A 54 0.67 -23.39 35.36
C ASP A 54 -0.24 -23.47 36.60
N GLY A 55 0.18 -22.92 37.74
CA GLY A 55 -0.70 -22.84 38.90
C GLY A 55 -1.87 -21.87 38.70
N PHE A 56 -1.69 -20.94 37.76
CA PHE A 56 -2.52 -19.74 37.66
C PHE A 56 -3.84 -19.90 36.95
N GLU A 57 -4.84 -19.16 37.42
CA GLU A 57 -6.05 -18.85 36.65
C GLU A 57 -6.03 -17.35 36.38
N LYS A 58 -6.22 -16.97 35.13
CA LYS A 58 -6.22 -15.57 34.74
C LYS A 58 -7.48 -14.89 35.28
N LYS A 59 -7.35 -13.65 35.73
CA LYS A 59 -8.49 -12.85 36.18
C LYS A 59 -8.72 -11.60 35.33
N SER A 60 -7.64 -10.91 34.98
CA SER A 60 -7.74 -9.64 34.26
C SER A 60 -6.43 -9.23 33.59
N LYS A 61 -6.50 -8.16 32.78
CA LYS A 61 -5.32 -7.56 32.16
C LYS A 61 -4.92 -6.30 32.93
N MET A 62 -3.62 -5.99 32.95
CA MET A 62 -3.10 -4.81 33.66
C MET A 62 -2.76 -3.74 32.67
N TYR A 63 -3.10 -2.50 33.00
CA TYR A 63 -2.75 -1.36 32.17
C TYR A 63 -2.19 -0.24 33.05
N CYS A 64 -1.16 0.43 32.55
CA CYS A 64 -0.62 1.62 33.21
C CYS A 64 -1.78 2.53 33.55
N ARG A 65 -1.79 3.05 34.78
CA ARG A 65 -2.91 3.87 35.21
C ARG A 65 -2.94 5.23 34.54
N ASN A 66 -1.75 5.75 34.18
CA ASN A 66 -1.67 7.01 33.44
C ASN A 66 -2.61 6.94 32.23
N ASN A 67 -3.68 7.71 32.28
CA ASN A 67 -4.73 7.63 31.28
C ASN A 67 -4.22 7.82 29.85
N ASN A 68 -3.18 8.64 29.70
CA ASN A 68 -2.57 8.91 28.39
C ASN A 68 -1.65 7.80 27.90
N CYS A 69 -1.47 6.75 28.69
CA CYS A 69 -0.51 5.70 28.41
C CYS A 69 -1.22 4.37 28.23
N GLN A 70 -1.82 3.87 29.31
CA GLN A 70 -2.53 2.58 29.29
C GLN A 70 -1.75 1.44 28.65
N HIS A 71 -0.43 1.46 28.83
CA HIS A 71 0.46 0.42 28.34
C HIS A 71 0.10 -0.91 28.96
N ASP A 72 0.14 -1.98 28.15
CA ASP A 72 -0.13 -3.32 28.65
C ASP A 72 0.97 -3.74 29.60
N TRP A 73 0.61 -3.92 30.85
CA TRP A 73 1.58 -4.27 31.90
C TRP A 73 1.64 -5.75 32.24
N GLY A 74 0.56 -6.48 31.97
CA GLY A 74 0.53 -7.90 32.29
C GLY A 74 -0.88 -8.40 32.55
N ILE A 75 -1.00 -9.31 33.51
CA ILE A 75 -2.30 -9.85 33.93
C ILE A 75 -2.36 -10.03 35.44
N THR A 76 -3.56 -10.10 36.00
CA THR A 76 -3.69 -10.56 37.38
C THR A 76 -4.19 -11.99 37.35
N VAL A 77 -3.81 -12.76 38.36
CA VAL A 77 -4.14 -14.18 38.41
C VAL A 77 -4.42 -14.62 39.84
N LYS A 78 -5.05 -15.78 39.97
CA LYS A 78 -5.15 -16.45 41.27
C LYS A 78 -4.17 -17.62 41.24
N TYR A 79 -3.32 -17.68 42.25
CA TYR A 79 -2.37 -18.78 42.42
C TYR A 79 -2.51 -19.26 43.85
N LEU A 80 -2.76 -20.55 44.02
CA LEU A 80 -2.99 -21.12 45.35
C LEU A 80 -4.17 -20.38 46.00
N THR A 81 -3.95 -19.74 47.15
CA THR A 81 -5.02 -18.96 47.80
C THR A 81 -4.95 -17.48 47.45
N PHE A 82 -3.93 -17.09 46.68
CA PHE A 82 -3.64 -15.67 46.46
C PHE A 82 -4.29 -15.15 45.17
N ASP A 83 -5.39 -14.42 45.32
CA ASP A 83 -6.13 -13.86 44.18
C ASP A 83 -5.57 -12.48 43.83
N ASN A 84 -5.96 -11.99 42.65
CA ASN A 84 -5.59 -10.65 42.20
C ASN A 84 -4.12 -10.36 42.40
N LEU A 85 -3.33 -11.37 42.03
CA LEU A 85 -1.87 -11.34 42.10
C LEU A 85 -1.34 -10.85 40.74
N PRO A 86 -0.70 -9.67 40.74
CA PRO A 86 -0.26 -9.09 39.48
C PRO A 86 1.00 -9.74 38.95
N VAL A 87 0.93 -10.21 37.71
CA VAL A 87 2.09 -10.74 37.00
C VAL A 87 2.45 -9.75 35.91
N ILE A 88 3.68 -9.23 35.92
CA ILE A 88 4.10 -8.22 34.95
C ILE A 88 4.75 -8.83 33.70
N LYS A 89 4.61 -8.10 32.59
CA LYS A 89 5.20 -8.47 31.30
C LYS A 89 6.58 -7.80 31.13
N ILE A 90 7.64 -8.60 31.16
CA ILE A 90 9.01 -8.08 31.29
C ILE A 90 9.46 -7.19 30.13
N LYS A 91 8.81 -7.33 28.98
CA LYS A 91 9.09 -6.49 27.81
C LYS A 91 8.43 -5.12 27.91
N SER A 92 7.51 -4.95 28.87
CA SER A 92 6.74 -3.73 28.99
C SER A 92 7.42 -2.67 29.84
N PHE A 93 8.56 -3.00 30.45
CA PHE A 93 9.23 -2.08 31.37
C PHE A 93 10.69 -1.78 31.03
N VAL A 94 11.16 -0.63 31.53
CA VAL A 94 12.55 -0.19 31.41
C VAL A 94 13.08 0.16 32.79
N MET A 95 14.38 0.44 32.87
CA MET A 95 15.01 0.80 34.14
C MET A 95 15.32 2.29 34.23
N GLU A 96 15.20 2.84 35.43
CA GLU A 96 15.57 4.21 35.73
C GLU A 96 17.05 4.47 35.37
N SER A 97 17.45 5.73 35.25
CA SER A 97 18.82 6.11 34.86
C SER A 97 19.52 7.02 35.88
N GLN A 103 20.51 4.58 29.74
CA GLN A 103 19.33 3.79 30.10
C GLN A 103 19.24 2.43 29.36
N MET A 104 18.57 1.45 29.97
CA MET A 104 18.36 0.08 29.43
C MET A 104 16.97 -0.46 29.78
N ASP A 105 16.53 -1.53 29.11
CA ASP A 105 15.24 -2.16 29.45
C ASP A 105 15.38 -3.26 30.50
N PHE A 106 14.25 -3.73 31.03
CA PHE A 106 14.23 -4.70 32.14
C PHE A 106 14.78 -6.06 31.73
N GLN A 107 14.39 -6.53 30.53
CA GLN A 107 14.96 -7.75 29.97
C GLN A 107 16.48 -7.73 30.08
N LYS A 108 17.08 -6.73 29.46
CA LYS A 108 18.52 -6.55 29.50
C LYS A 108 19.02 -6.59 30.93
N TRP A 109 18.37 -5.80 31.79
CA TRP A 109 18.79 -5.69 33.18
C TRP A 109 18.88 -7.03 33.84
N LYS A 110 17.83 -7.83 33.70
CA LYS A 110 17.81 -9.19 34.27
C LYS A 110 19.02 -10.00 33.82
N SER A 111 19.35 -9.91 32.53
CA SER A 111 20.38 -10.73 31.93
C SER A 111 21.76 -10.50 32.56
N ILE A 112 22.01 -9.27 33.00
CA ILE A 112 23.33 -8.89 33.56
C ILE A 112 23.36 -8.79 35.09
N ASN A 113 22.23 -9.08 35.73
CA ASN A 113 22.14 -9.01 37.19
C ASN A 113 21.83 -10.36 37.80
N SER A 114 22.03 -10.46 39.11
CA SER A 114 21.75 -11.70 39.84
C SER A 114 20.26 -11.99 39.82
N SER A 115 19.93 -13.25 40.04
CA SER A 115 18.52 -13.69 40.00
C SER A 115 17.69 -12.91 40.99
N LEU A 116 16.45 -12.60 40.60
CA LEU A 116 15.49 -12.01 41.52
C LEU A 116 15.03 -13.10 42.48
N LYS A 117 14.38 -12.69 43.56
CA LYS A 117 14.00 -13.61 44.63
C LYS A 117 12.89 -14.55 44.19
N ASN A 118 13.05 -15.83 44.52
CA ASN A 118 11.97 -16.79 44.31
C ASN A 118 10.84 -16.49 45.27
N PHE A 119 9.62 -16.59 44.75
CA PHE A 119 8.42 -16.44 45.53
C PHE A 119 8.43 -17.41 46.70
N ASP A 120 8.11 -16.92 47.89
CA ASP A 120 8.11 -17.75 49.08
C ASP A 120 6.72 -17.68 49.66
N VAL A 121 6.05 -18.84 49.72
CA VAL A 121 4.66 -18.87 50.16
C VAL A 121 4.50 -18.49 51.63
N GLU A 122 5.49 -18.82 52.45
CA GLU A 122 5.44 -18.51 53.89
C GLU A 122 5.60 -17.02 54.13
N GLU A 123 6.51 -16.40 53.39
CA GLU A 123 6.66 -14.95 53.37
C GLU A 123 5.33 -14.32 52.96
N MET A 124 4.75 -14.89 51.91
CA MET A 124 3.50 -14.38 51.36
C MET A 124 2.35 -14.49 52.35
N SER A 125 2.31 -15.61 53.09
CA SER A 125 1.31 -15.81 54.16
C SER A 125 1.48 -14.81 55.31
N ASN A 126 2.67 -14.24 55.41
CA ASN A 126 2.93 -13.16 56.39
C ASN A 126 2.38 -11.81 55.91
N LEU A 127 2.64 -11.46 54.65
CA LEU A 127 2.14 -10.20 54.07
C LEU A 127 0.61 -10.17 53.87
N TYR A 128 0.04 -11.30 53.44
CA TYR A 128 -1.40 -11.41 53.18
C TYR A 128 -1.97 -12.58 54.00
N PRO A 129 -2.17 -12.36 55.31
CA PRO A 129 -2.56 -13.46 56.25
C PRO A 129 -3.91 -14.17 55.95
N GLN B 5 22.93 -29.00 -8.04
CA GLN B 5 22.52 -30.12 -7.15
C GLN B 5 21.02 -30.01 -6.84
N LYS B 6 20.64 -28.97 -6.08
CA LYS B 6 19.26 -28.76 -5.65
C LYS B 6 18.64 -27.49 -6.23
N ASN B 7 17.34 -27.57 -6.50
CA ASN B 7 16.62 -26.50 -7.18
C ASN B 7 15.91 -25.57 -6.23
N LEU B 8 15.89 -24.29 -6.58
CA LEU B 8 15.14 -23.28 -5.84
C LEU B 8 13.82 -22.98 -6.54
N LEU B 9 12.76 -22.76 -5.75
CA LEU B 9 11.46 -22.37 -6.28
C LEU B 9 10.97 -21.08 -5.66
N CYS B 10 10.24 -20.29 -6.46
CA CYS B 10 9.60 -19.08 -5.95
C CYS B 10 8.81 -19.44 -4.72
N GLY B 11 9.19 -18.86 -3.58
CA GLY B 11 8.50 -19.12 -2.33
C GLY B 11 6.99 -18.96 -2.42
N LYS B 12 6.55 -17.97 -3.18
CA LYS B 12 5.14 -17.65 -3.30
C LYS B 12 4.42 -18.58 -4.26
N CYS B 13 4.87 -18.65 -5.52
CA CYS B 13 4.15 -19.44 -6.53
C CYS B 13 4.79 -20.77 -6.87
N LYS B 14 5.94 -21.07 -6.27
CA LYS B 14 6.63 -22.35 -6.45
C LYS B 14 7.16 -22.62 -7.87
N ALA B 15 7.09 -21.63 -8.77
CA ALA B 15 7.67 -21.79 -10.10
C ALA B 15 9.18 -21.96 -10.00
N TYR B 16 9.76 -22.68 -10.96
CA TYR B 16 11.18 -22.98 -10.92
C TYR B 16 11.98 -21.70 -10.96
N ALA B 17 12.90 -21.53 -10.02
CA ALA B 17 13.77 -20.35 -9.95
C ALA B 17 15.09 -20.64 -10.63
N CYS B 18 15.97 -21.38 -9.94
CA CYS B 18 17.29 -21.73 -10.48
C CYS B 18 17.87 -22.91 -9.73
N SER B 19 19.05 -23.38 -10.15
CA SER B 19 19.75 -24.43 -9.43
C SER B 19 20.76 -23.82 -8.48
N THR B 20 21.20 -24.58 -7.48
CA THR B 20 22.25 -24.12 -6.56
C THR B 20 23.60 -24.02 -7.29
N ASP B 21 23.81 -24.85 -8.31
CA ASP B 21 25.01 -24.77 -9.15
C ASP B 21 25.13 -23.46 -9.91
N ASP B 22 24.02 -22.75 -10.10
CA ASP B 22 24.01 -21.50 -10.84
C ASP B 22 24.17 -20.29 -9.93
N ILE B 23 24.34 -20.52 -8.63
CA ILE B 23 24.48 -19.42 -7.66
C ILE B 23 25.93 -19.20 -7.32
N ARG B 24 26.31 -17.93 -7.10
CA ARG B 24 27.64 -17.59 -6.61
C ARG B 24 27.55 -16.58 -5.48
N ILE B 25 28.52 -16.62 -4.58
CA ILE B 25 28.54 -15.74 -3.42
C ILE B 25 29.61 -14.66 -3.56
N ILE B 26 29.20 -13.40 -3.54
CA ILE B 26 30.15 -12.30 -3.55
C ILE B 26 30.27 -11.74 -2.15
N LYS B 27 31.49 -11.66 -1.64
CA LYS B 27 31.74 -11.07 -0.33
C LYS B 27 30.89 -11.73 0.78
N ASP B 28 30.74 -13.05 0.71
CA ASP B 28 30.12 -13.84 1.79
C ASP B 28 28.80 -13.29 2.28
N SER B 29 27.94 -12.88 1.35
CA SER B 29 26.67 -12.28 1.72
C SER B 29 25.67 -12.32 0.57
N HIS B 30 26.09 -11.80 -0.58
CA HIS B 30 25.20 -11.62 -1.70
C HIS B 30 25.12 -12.82 -2.55
N HIS B 31 23.91 -13.18 -2.93
CA HIS B 31 23.70 -14.34 -3.77
C HIS B 31 23.33 -13.92 -5.15
N ILE B 32 24.23 -14.13 -6.11
CA ILE B 32 23.94 -13.83 -7.50
C ILE B 32 23.72 -15.12 -8.28
N VAL B 33 23.07 -15.03 -9.43
CA VAL B 33 22.66 -16.20 -10.20
C VAL B 33 23.08 -16.09 -11.66
N LEU B 34 23.96 -17.01 -12.07
CA LEU B 34 24.54 -17.00 -13.40
C LEU B 34 23.54 -17.42 -14.46
N GLY B 35 23.87 -17.13 -15.71
CA GLY B 35 23.20 -17.73 -16.85
C GLY B 35 22.06 -16.88 -17.35
N GLU B 36 21.92 -16.81 -18.68
CA GLU B 36 20.90 -15.96 -19.32
C GLU B 36 19.52 -16.60 -19.30
N ALA B 37 19.49 -17.91 -19.05
CA ALA B 37 18.25 -18.64 -18.85
C ALA B 37 17.45 -18.00 -17.73
N PHE B 38 18.08 -17.88 -16.57
CA PHE B 38 17.42 -17.35 -15.39
C PHE B 38 16.66 -16.06 -15.67
N LYS B 39 17.26 -15.17 -16.45
CA LYS B 39 16.70 -13.83 -16.70
C LYS B 39 15.32 -13.86 -17.36
N GLU B 40 15.02 -14.95 -18.08
CA GLU B 40 13.68 -15.16 -18.63
C GLU B 40 12.63 -15.42 -17.55
N ARG B 41 13.05 -15.72 -16.32
CA ARG B 41 12.11 -16.16 -15.27
C ARG B 41 11.71 -15.06 -14.29
N TYR B 42 12.32 -13.89 -14.44
CA TYR B 42 11.90 -12.70 -13.69
C TYR B 42 11.72 -11.49 -14.59
N THR B 43 10.98 -10.50 -14.09
CA THR B 43 10.87 -9.20 -14.71
C THR B 43 11.42 -8.15 -13.75
N THR B 44 11.73 -6.98 -14.28
CA THR B 44 12.25 -5.90 -13.46
C THR B 44 11.56 -4.60 -13.74
N LYS B 45 11.58 -3.73 -12.73
CA LYS B 45 11.08 -2.39 -12.84
C LYS B 45 12.14 -1.57 -12.12
N PRO B 46 12.46 -0.39 -12.63
CA PRO B 46 13.60 0.32 -12.02
C PRO B 46 13.46 0.52 -10.51
N HIS B 47 14.60 0.61 -9.84
CA HIS B 47 14.71 0.81 -8.40
C HIS B 47 14.11 2.12 -7.94
N LYS B 48 13.30 2.09 -6.88
CA LYS B 48 12.65 3.34 -6.42
C LYS B 48 13.59 4.28 -5.69
N LYS B 49 14.63 3.71 -5.05
CA LYS B 49 15.57 4.52 -4.28
C LYS B 49 16.98 3.96 -4.47
N PRO B 50 17.80 4.67 -5.29
CA PRO B 50 19.14 4.20 -5.68
C PRO B 50 20.12 4.19 -4.52
N MET B 51 20.71 3.03 -4.23
CA MET B 51 21.79 2.95 -3.24
C MET B 51 22.93 2.07 -3.73
N GLN B 52 24.14 2.61 -3.67
CA GLN B 52 25.37 1.84 -3.85
C GLN B 52 25.94 1.43 -2.49
N PHE B 53 26.44 0.20 -2.42
CA PHE B 53 27.11 -0.31 -1.26
C PHE B 53 28.02 -1.45 -1.72
N ASP B 54 28.98 -1.83 -0.87
CA ASP B 54 29.98 -2.83 -1.26
C ASP B 54 30.47 -2.44 -2.65
N GLY B 55 30.59 -3.40 -3.56
CA GLY B 55 30.92 -3.08 -4.94
C GLY B 55 29.73 -2.51 -5.69
N PHE B 56 28.53 -2.91 -5.28
CA PHE B 56 27.36 -2.81 -6.13
C PHE B 56 26.77 -1.43 -6.27
N GLU B 57 26.26 -1.14 -7.46
CA GLU B 57 25.28 -0.08 -7.67
C GLU B 57 23.96 -0.72 -8.07
N LYS B 58 22.87 -0.36 -7.40
CA LYS B 58 21.57 -0.93 -7.68
C LYS B 58 21.08 -0.44 -9.04
N LYS B 59 20.41 -1.31 -9.78
CA LYS B 59 19.78 -0.95 -11.06
C LYS B 59 18.25 -1.10 -11.05
N SER B 60 17.76 -2.20 -10.48
CA SER B 60 16.33 -2.50 -10.52
C SER B 60 15.92 -3.51 -9.44
N LYS B 61 14.62 -3.75 -9.34
CA LYS B 61 14.07 -4.79 -8.47
C LYS B 61 13.67 -5.98 -9.33
N MET B 62 13.73 -7.18 -8.75
CA MET B 62 13.34 -8.42 -9.44
C MET B 62 12.00 -8.94 -8.96
N TYR B 63 11.16 -9.35 -9.89
CA TYR B 63 9.87 -9.93 -9.54
C TYR B 63 9.67 -11.22 -10.31
N CYS B 64 9.08 -12.21 -9.66
CA CYS B 64 8.66 -13.46 -10.33
C CYS B 64 7.88 -13.11 -11.58
N ARG B 65 8.22 -13.74 -12.69
CA ARG B 65 7.59 -13.40 -13.96
C ARG B 65 6.12 -13.85 -14.04
N ASN B 66 5.79 -14.92 -13.32
CA ASN B 66 4.40 -15.36 -13.23
C ASN B 66 3.53 -14.17 -12.81
N ASN B 67 2.73 -13.70 -13.75
CA ASN B 67 1.96 -12.49 -13.56
C ASN B 67 1.12 -12.54 -12.29
N ASN B 68 0.61 -13.73 -11.95
CA ASN B 68 -0.23 -13.92 -10.77
C ASN B 68 0.54 -13.98 -9.46
N CYS B 69 1.87 -13.83 -9.54
CA CYS B 69 2.73 -13.99 -8.38
C CYS B 69 3.49 -12.71 -8.10
N GLN B 70 4.36 -12.32 -9.02
CA GLN B 70 5.19 -11.11 -8.90
C GLN B 70 5.90 -10.96 -7.54
N HIS B 71 6.29 -12.08 -6.95
CA HIS B 71 6.99 -12.12 -5.67
C HIS B 71 8.29 -11.39 -5.77
N ASP B 72 8.64 -10.64 -4.73
CA ASP B 72 9.91 -9.92 -4.73
C ASP B 72 11.06 -10.93 -4.67
N TRP B 73 11.86 -10.95 -5.73
CA TRP B 73 12.98 -11.90 -5.84
C TRP B 73 14.32 -11.32 -5.46
N GLY B 74 14.48 -10.01 -5.57
CA GLY B 74 15.77 -9.37 -5.25
C GLY B 74 15.98 -8.09 -6.01
N ILE B 75 17.23 -7.85 -6.41
CA ILE B 75 17.59 -6.66 -7.21
C ILE B 75 18.61 -7.02 -8.29
N THR B 76 18.71 -6.21 -9.34
CA THR B 76 19.82 -6.31 -10.24
C THR B 76 20.78 -5.18 -9.93
N VAL B 77 22.07 -5.45 -10.14
CA VAL B 77 23.15 -4.52 -9.79
C VAL B 77 24.26 -4.54 -10.83
N LYS B 78 25.09 -3.50 -10.81
CA LYS B 78 26.34 -3.51 -11.55
C LYS B 78 27.46 -3.70 -10.53
N TYR B 79 28.31 -4.69 -10.78
CA TYR B 79 29.46 -4.96 -9.96
C TYR B 79 30.63 -5.06 -10.91
N LEU B 80 31.68 -4.28 -10.64
CA LEU B 80 32.85 -4.25 -11.51
C LEU B 80 32.38 -3.91 -12.93
N THR B 81 32.62 -4.77 -13.92
CA THR B 81 32.18 -4.52 -15.27
C THR B 81 30.84 -5.21 -15.57
N PHE B 82 30.32 -5.97 -14.60
CA PHE B 82 29.16 -6.82 -14.85
C PHE B 82 27.85 -6.14 -14.47
N ASP B 83 27.11 -5.68 -15.48
CA ASP B 83 25.83 -4.98 -15.28
C ASP B 83 24.69 -5.98 -15.27
N ASN B 84 23.53 -5.53 -14.79
CA ASN B 84 22.31 -6.34 -14.80
C ASN B 84 22.57 -7.73 -14.23
N LEU B 85 23.31 -7.75 -13.13
CA LEU B 85 23.65 -8.96 -12.41
C LEU B 85 22.60 -9.19 -11.34
N PRO B 86 21.84 -10.29 -11.45
CA PRO B 86 20.76 -10.53 -10.50
C PRO B 86 21.25 -11.04 -9.15
N VAL B 87 20.85 -10.34 -8.09
CA VAL B 87 21.11 -10.76 -6.74
C VAL B 87 19.78 -11.20 -6.15
N ILE B 88 19.68 -12.44 -5.69
CA ILE B 88 18.42 -12.94 -5.13
C ILE B 88 18.31 -12.76 -3.61
N LYS B 89 17.06 -12.65 -3.14
CA LYS B 89 16.71 -12.52 -1.73
C LYS B 89 16.41 -13.89 -1.11
N ILE B 90 17.29 -14.37 -0.23
CA ILE B 90 17.28 -15.79 0.19
C ILE B 90 16.02 -16.23 0.94
N LYS B 91 15.31 -15.25 1.48
CA LYS B 91 14.04 -15.51 2.16
C LYS B 91 12.89 -15.67 1.18
N SER B 92 13.11 -15.32 -0.08
CA SER B 92 12.05 -15.35 -1.08
C SER B 92 11.89 -16.71 -1.74
N PHE B 93 12.78 -17.65 -1.45
CA PHE B 93 12.77 -18.95 -2.14
C PHE B 93 12.69 -20.18 -1.22
N VAL B 94 12.20 -21.26 -1.79
CA VAL B 94 12.11 -22.55 -1.11
C VAL B 94 12.77 -23.62 -1.99
N MET B 95 12.92 -24.83 -1.45
CA MET B 95 13.53 -25.93 -2.18
C MET B 95 12.50 -26.96 -2.65
N GLU B 96 12.74 -27.51 -3.82
CA GLU B 96 11.94 -28.60 -4.37
C GLU B 96 11.91 -29.78 -3.37
N SER B 97 10.94 -30.69 -3.49
CA SER B 97 10.94 -31.94 -2.69
C SER B 97 10.01 -33.02 -3.29
N GLN B 103 8.69 -30.17 2.92
CA GLN B 103 9.44 -29.17 2.17
C GLN B 103 10.20 -28.22 3.10
N MET B 104 11.33 -27.68 2.65
CA MET B 104 12.09 -26.69 3.43
C MET B 104 12.36 -25.44 2.61
N ASP B 105 12.71 -24.34 3.27
CA ASP B 105 13.10 -23.10 2.58
C ASP B 105 14.61 -23.01 2.33
N PHE B 106 15.01 -22.04 1.51
CA PHE B 106 16.40 -21.91 1.08
C PHE B 106 17.35 -21.54 2.24
N GLN B 107 16.91 -20.61 3.08
CA GLN B 107 17.65 -20.27 4.28
C GLN B 107 18.07 -21.54 5.00
N LYS B 108 17.06 -22.33 5.39
CA LYS B 108 17.29 -23.58 6.10
C LYS B 108 18.27 -24.43 5.33
N TRP B 109 18.02 -24.58 4.03
CA TRP B 109 18.85 -25.44 3.20
C TRP B 109 20.30 -25.06 3.29
N LYS B 110 20.59 -23.77 3.16
CA LYS B 110 21.96 -23.26 3.27
C LYS B 110 22.61 -23.68 4.58
N SER B 111 21.85 -23.58 5.66
CA SER B 111 22.37 -23.83 7.01
C SER B 111 22.89 -25.25 7.22
N ILE B 112 22.28 -26.21 6.53
CA ILE B 112 22.62 -27.63 6.70
C ILE B 112 23.46 -28.21 5.54
N ASN B 113 23.79 -27.38 4.56
CA ASN B 113 24.56 -27.81 3.40
C ASN B 113 25.90 -27.10 3.32
N SER B 114 26.80 -27.63 2.49
CA SER B 114 28.11 -27.02 2.29
C SER B 114 27.99 -25.68 1.61
N SER B 115 29.01 -24.85 1.78
CA SER B 115 28.99 -23.50 1.21
C SER B 115 28.79 -23.56 -0.28
N LEU B 116 28.02 -22.60 -0.80
CA LEU B 116 27.90 -22.42 -2.24
C LEU B 116 29.21 -21.84 -2.77
N LYS B 117 29.37 -21.86 -4.09
CA LYS B 117 30.61 -21.43 -4.72
C LYS B 117 30.83 -19.93 -4.63
N ASN B 118 32.05 -19.53 -4.27
CA ASN B 118 32.43 -18.12 -4.30
C ASN B 118 32.50 -17.67 -5.74
N PHE B 119 31.97 -16.48 -5.99
CA PHE B 119 32.04 -15.83 -7.29
C PHE B 119 33.47 -15.73 -7.74
N ASP B 120 33.72 -16.10 -8.99
CA ASP B 120 35.08 -16.08 -9.53
C ASP B 120 35.06 -15.20 -10.75
N VAL B 121 35.80 -14.10 -10.70
CA VAL B 121 35.76 -13.11 -11.77
C VAL B 121 36.29 -13.65 -13.11
N GLU B 122 37.27 -14.55 -13.04
CA GLU B 122 37.86 -15.15 -14.24
C GLU B 122 36.89 -16.11 -14.93
N GLU B 123 36.19 -16.90 -14.13
CA GLU B 123 35.10 -17.75 -14.62
C GLU B 123 34.07 -16.86 -15.29
N MET B 124 33.75 -15.76 -14.62
CA MET B 124 32.75 -14.81 -15.09
C MET B 124 33.15 -14.13 -16.40
N SER B 125 34.43 -13.80 -16.51
CA SER B 125 34.98 -13.25 -17.76
C SER B 125 34.92 -14.27 -18.91
N ASN B 126 34.81 -15.56 -18.58
CA ASN B 126 34.62 -16.61 -19.58
C ASN B 126 33.18 -16.71 -20.08
N LEU B 127 32.22 -16.66 -19.17
CA LEU B 127 30.79 -16.69 -19.51
C LEU B 127 30.28 -15.41 -20.20
N TYR B 128 30.76 -14.25 -19.74
CA TYR B 128 30.37 -12.94 -20.29
C TYR B 128 31.62 -12.16 -20.75
N PRO B 129 32.17 -12.53 -21.93
CA PRO B 129 33.47 -12.00 -22.37
C PRO B 129 33.52 -10.47 -22.61
N GLN C 5 -4.52 29.17 8.90
CA GLN C 5 -4.85 30.24 7.91
C GLN C 5 -6.27 30.06 7.41
N LYS C 6 -6.50 28.96 6.65
CA LYS C 6 -7.81 28.69 6.03
C LYS C 6 -8.48 27.44 6.59
N ASN C 7 -9.80 27.48 6.65
CA ASN C 7 -10.60 26.43 7.28
C ASN C 7 -11.15 25.41 6.28
N LEU C 8 -11.16 24.14 6.69
CA LEU C 8 -11.73 23.06 5.90
C LEU C 8 -13.14 22.75 6.41
N LEU C 9 -14.05 22.44 5.49
CA LEU C 9 -15.41 22.03 5.84
C LEU C 9 -15.74 20.67 5.24
N CYS C 10 -16.56 19.90 5.95
CA CYS C 10 -17.08 18.63 5.44
C CYS C 10 -17.69 18.88 4.07
N GLY C 11 -17.11 18.27 3.04
CA GLY C 11 -17.60 18.44 1.69
C GLY C 11 -19.10 18.22 1.57
N LYS C 12 -19.62 17.25 2.32
CA LYS C 12 -21.03 16.89 2.24
C LYS C 12 -21.92 17.84 3.03
N CYS C 13 -21.67 18.01 4.33
CA CYS C 13 -22.57 18.80 5.17
C CYS C 13 -22.03 20.18 5.52
N LYS C 14 -20.81 20.49 5.08
CA LYS C 14 -20.20 21.81 5.30
C LYS C 14 -19.89 22.18 6.76
N ALA C 15 -20.07 21.25 7.69
CA ALA C 15 -19.70 21.49 9.09
C ALA C 15 -18.19 21.72 9.20
N TYR C 16 -17.79 22.52 10.18
CA TYR C 16 -16.39 22.87 10.33
C TYR C 16 -15.57 21.64 10.59
N ALA C 17 -14.50 21.46 9.80
CA ALA C 17 -13.60 20.31 9.94
C ALA C 17 -12.41 20.69 10.78
N CYS C 18 -11.47 21.41 10.20
CA CYS C 18 -10.27 21.86 10.91
C CYS C 18 -9.60 23.01 10.17
N SER C 19 -8.53 23.56 10.76
CA SER C 19 -7.75 24.61 10.11
C SER C 19 -6.56 24.01 9.38
N THR C 20 -6.02 24.72 8.38
CA THR C 20 -4.83 24.26 7.67
C THR C 20 -3.60 24.25 8.58
N ASP C 21 -3.59 25.14 9.57
CA ASP C 21 -2.54 25.15 10.59
C ASP C 21 -2.47 23.88 11.42
N ASP C 22 -3.58 23.14 11.48
CA ASP C 22 -3.66 21.93 12.29
C ASP C 22 -3.31 20.67 11.50
N ILE C 23 -2.98 20.83 10.22
CA ILE C 23 -2.64 19.70 9.35
C ILE C 23 -1.14 19.53 9.25
N ARG C 24 -0.72 18.28 9.15
CA ARG C 24 0.68 17.95 8.90
C ARG C 24 0.78 16.88 7.81
N ILE C 25 1.89 16.90 7.08
CA ILE C 25 2.11 15.95 5.99
C ILE C 25 3.18 14.94 6.36
N ILE C 26 2.82 13.65 6.35
CA ILE C 26 3.79 12.58 6.58
C ILE C 26 4.13 11.95 5.24
N LYS C 27 5.42 11.89 4.94
CA LYS C 27 5.91 11.25 3.71
C LYS C 27 5.23 11.82 2.44
N ASP C 28 5.03 13.14 2.41
CA ASP C 28 4.55 13.85 1.22
C ASP C 28 3.33 13.22 0.57
N SER C 29 2.36 12.82 1.38
CA SER C 29 1.18 12.16 0.86
C SER C 29 0.04 12.25 1.84
N HIS C 30 0.28 11.78 3.07
CA HIS C 30 -0.76 11.63 4.06
C HIS C 30 -1.01 12.89 4.82
N HIS C 31 -2.28 13.21 5.00
CA HIS C 31 -2.66 14.39 5.71
C HIS C 31 -3.23 14.01 7.03
N ILE C 32 -2.51 14.32 8.09
CA ILE C 32 -2.99 14.08 9.45
C ILE C 32 -3.37 15.42 10.09
N VAL C 33 -4.18 15.36 11.16
CA VAL C 33 -4.74 16.55 11.79
C VAL C 33 -4.52 16.55 13.31
N LEU C 34 -3.75 17.52 13.78
CA LEU C 34 -3.38 17.59 15.18
C LEU C 34 -4.53 18.03 16.05
N GLY C 35 -4.39 17.80 17.35
CA GLY C 35 -5.25 18.42 18.35
C GLY C 35 -6.45 17.57 18.73
N GLU C 36 -6.77 17.57 20.02
CA GLU C 36 -7.85 16.72 20.53
C GLU C 36 -9.22 17.30 20.25
N ALA C 37 -9.27 18.60 19.91
CA ALA C 37 -10.50 19.26 19.50
C ALA C 37 -11.10 18.53 18.31
N PHE C 38 -10.29 18.36 17.28
CA PHE C 38 -10.72 17.74 16.04
C PHE C 38 -11.48 16.44 16.27
N LYS C 39 -10.98 15.62 17.19
CA LYS C 39 -11.54 14.28 17.43
C LYS C 39 -13.02 14.30 17.86
N GLU C 40 -13.45 15.39 18.47
CA GLU C 40 -14.86 15.59 18.79
C GLU C 40 -15.73 15.76 17.56
N ARG C 41 -15.13 16.00 16.40
CA ARG C 41 -15.90 16.34 15.19
C ARG C 41 -16.10 15.16 14.24
N TYR C 42 -15.49 14.02 14.55
CA TYR C 42 -15.77 12.80 13.81
C TYR C 42 -16.08 11.64 14.76
N THR C 43 -16.70 10.61 14.20
CA THR C 43 -16.85 9.32 14.88
C THR C 43 -16.13 8.26 14.06
N THR C 44 -15.87 7.12 14.69
CA THR C 44 -15.19 6.03 14.02
C THR C 44 -15.94 4.71 14.22
N LYS C 45 -16.06 3.97 13.13
CA LYS C 45 -16.44 2.58 13.21
C LYS C 45 -15.20 1.85 12.77
N PRO C 46 -15.01 0.62 13.25
CA PRO C 46 -13.76 -0.04 12.91
C PRO C 46 -13.76 -0.46 11.43
N HIS C 47 -12.57 -0.43 10.84
CA HIS C 47 -12.30 -0.93 9.48
C HIS C 47 -12.95 -2.27 9.13
N LYS C 48 -13.57 -2.36 7.96
CA LYS C 48 -14.14 -3.63 7.47
C LYS C 48 -13.03 -4.61 7.06
N LYS C 49 -11.98 -4.06 6.45
CA LYS C 49 -10.83 -4.84 6.01
C LYS C 49 -9.55 -4.05 6.33
N PRO C 50 -8.67 -4.63 7.18
CA PRO C 50 -7.48 -3.88 7.63
C PRO C 50 -6.34 -3.93 6.61
N MET C 51 -5.90 -2.76 6.13
CA MET C 51 -4.65 -2.72 5.37
C MET C 51 -3.59 -1.97 6.18
N GLN C 52 -2.37 -2.51 6.18
CA GLN C 52 -1.19 -1.89 6.77
C GLN C 52 -0.32 -1.38 5.63
N PHE C 53 0.18 -0.15 5.72
CA PHE C 53 0.97 0.43 4.62
C PHE C 53 1.64 1.72 5.05
N ASP C 54 2.78 2.01 4.42
CA ASP C 54 3.74 2.99 4.95
C ASP C 54 3.94 2.68 6.43
N GLY C 55 4.53 3.58 7.19
CA GLY C 55 4.66 3.35 8.63
C GLY C 55 3.36 2.83 9.23
N PHE C 56 2.24 3.24 8.62
CA PHE C 56 0.94 3.15 9.27
C PHE C 56 0.39 1.74 9.39
N GLU C 57 -0.30 1.51 10.51
CA GLU C 57 -1.25 0.41 10.64
C GLU C 57 -2.63 1.03 10.82
N LYS C 58 -3.59 0.59 10.01
CA LYS C 58 -4.95 1.12 10.05
C LYS C 58 -5.64 0.68 11.32
N LYS C 59 -6.44 1.56 11.91
CA LYS C 59 -7.23 1.23 13.09
C LYS C 59 -8.75 1.32 12.85
N SER C 60 -9.18 2.37 12.15
CA SER C 60 -10.61 2.63 11.97
C SER C 60 -10.88 3.55 10.79
N LYS C 61 -12.17 3.73 10.47
CA LYS C 61 -12.63 4.70 9.47
C LYS C 61 -13.21 5.91 10.18
N MET C 62 -13.08 7.09 9.55
CA MET C 62 -13.59 8.35 10.11
C MET C 62 -14.84 8.79 9.39
N TYR C 63 -15.83 9.24 10.15
CA TYR C 63 -17.07 9.73 9.59
C TYR C 63 -17.44 11.05 10.25
N CYS C 64 -17.93 12.00 9.45
CA CYS C 64 -18.47 13.25 9.96
C CYS C 64 -19.42 12.91 11.11
N ARG C 65 -19.28 13.61 12.22
CA ARG C 65 -20.10 13.30 13.38
C ARG C 65 -21.56 13.67 13.18
N ASN C 66 -21.83 14.70 12.37
CA ASN C 66 -23.20 15.09 12.05
C ASN C 66 -23.95 13.87 11.57
N ASN C 67 -24.88 13.42 12.41
CA ASN C 67 -25.57 12.16 12.16
C ASN C 67 -26.23 12.10 10.79
N ASN C 68 -26.69 13.25 10.31
CA ASN C 68 -27.36 13.33 9.03
C ASN C 68 -26.40 13.33 7.85
N CYS C 69 -25.10 13.28 8.14
CA CYS C 69 -24.07 13.43 7.11
C CYS C 69 -23.22 12.17 7.01
N GLN C 70 -22.49 11.86 8.07
CA GLN C 70 -21.63 10.67 8.14
C GLN C 70 -20.72 10.49 6.92
N HIS C 71 -20.28 11.60 6.34
CA HIS C 71 -19.39 11.59 5.18
C HIS C 71 -18.09 10.92 5.51
N ASP C 72 -17.56 10.14 4.59
CA ASP C 72 -16.28 9.48 4.81
C ASP C 72 -15.16 10.52 4.87
N TRP C 73 -14.53 10.62 6.03
CA TRP C 73 -13.50 11.62 6.26
C TRP C 73 -12.09 11.07 6.12
N GLY C 74 -11.90 9.77 6.34
CA GLY C 74 -10.57 9.18 6.26
C GLY C 74 -10.43 7.94 7.12
N ILE C 75 -9.26 7.78 7.73
CA ILE C 75 -8.99 6.66 8.63
C ILE C 75 -8.15 7.13 9.83
N THR C 76 -8.20 6.38 10.93
CA THR C 76 -7.22 6.58 11.99
C THR C 76 -6.17 5.47 11.87
N VAL C 77 -4.95 5.79 12.29
CA VAL C 77 -3.83 4.88 12.16
C VAL C 77 -2.90 4.99 13.35
N LYS C 78 -2.03 3.99 13.52
CA LYS C 78 -0.91 4.10 14.43
C LYS C 78 0.34 4.28 13.59
N TYR C 79 1.11 5.32 13.90
CA TYR C 79 2.39 5.60 13.22
C TYR C 79 3.40 5.79 14.33
N LEU C 80 4.50 5.05 14.27
CA LEU C 80 5.51 5.11 15.32
C LEU C 80 4.85 4.81 16.68
N THR C 81 4.91 5.74 17.64
CA THR C 81 4.25 5.54 18.93
C THR C 81 2.86 6.16 18.96
N PHE C 82 2.47 6.87 17.90
CA PHE C 82 1.27 7.71 17.92
C PHE C 82 0.07 6.95 17.39
N ASP C 83 -0.80 6.50 18.31
CA ASP C 83 -2.01 5.75 17.95
C ASP C 83 -3.19 6.71 17.69
N ASN C 84 -4.24 6.18 17.06
CA ASN C 84 -5.47 6.93 16.84
C ASN C 84 -5.16 8.30 16.24
N LEU C 85 -4.26 8.28 15.27
CA LEU C 85 -3.84 9.46 14.56
C LEU C 85 -4.73 9.60 13.31
N PRO C 86 -5.54 10.66 13.25
CA PRO C 86 -6.47 10.81 12.14
C PRO C 86 -5.79 11.27 10.84
N VAL C 87 -5.99 10.49 9.78
CA VAL C 87 -5.56 10.85 8.44
C VAL C 87 -6.79 11.19 7.62
N ILE C 88 -6.87 12.42 7.10
CA ILE C 88 -8.05 12.84 6.33
C ILE C 88 -7.93 12.58 4.82
N LYS C 89 -9.08 12.39 4.18
CA LYS C 89 -9.21 12.17 2.74
C LYS C 89 -9.44 13.51 2.02
N ILE C 90 -8.44 13.98 1.26
CA ILE C 90 -8.44 15.37 0.74
C ILE C 90 -9.58 15.70 -0.22
N LYS C 91 -10.18 14.66 -0.81
CA LYS C 91 -11.34 14.82 -1.68
C LYS C 91 -12.64 14.98 -0.91
N SER C 92 -12.59 14.72 0.39
CA SER C 92 -13.79 14.75 1.24
C SER C 92 -14.09 16.14 1.79
N PHE C 93 -13.19 17.11 1.58
CA PHE C 93 -13.36 18.44 2.19
C PHE C 93 -13.36 19.60 1.20
N VAL C 94 -13.96 20.71 1.62
CA VAL C 94 -13.97 21.96 0.84
C VAL C 94 -13.49 23.09 1.72
N MET C 95 -13.30 24.28 1.13
CA MET C 95 -12.85 25.45 1.88
C MET C 95 -13.96 26.46 2.13
N GLU C 96 -13.91 27.08 3.30
CA GLU C 96 -14.83 28.15 3.68
C GLU C 96 -14.81 29.32 2.68
N SER C 97 -15.87 30.15 2.70
CA SER C 97 -15.86 31.54 2.17
C SER C 97 -17.05 32.38 2.69
N GLN C 103 -16.20 29.91 -3.98
CA GLN C 103 -15.93 28.71 -3.18
C GLN C 103 -15.18 27.63 -3.96
N MET C 104 -14.28 26.92 -3.28
CA MET C 104 -13.43 25.88 -3.90
C MET C 104 -13.24 24.65 -2.97
N ASP C 105 -12.76 23.53 -3.53
CA ASP C 105 -12.44 22.35 -2.70
C ASP C 105 -10.98 22.36 -2.21
N PHE C 106 -10.67 21.46 -1.28
CA PHE C 106 -9.36 21.40 -0.63
C PHE C 106 -8.25 20.99 -1.59
N GLN C 107 -8.52 19.99 -2.44
CA GLN C 107 -7.59 19.62 -3.50
C GLN C 107 -7.11 20.86 -4.25
N LYS C 108 -8.06 21.57 -4.83
CA LYS C 108 -7.78 22.80 -5.57
C LYS C 108 -6.95 23.74 -4.70
N TRP C 109 -7.41 23.95 -3.47
CA TRP C 109 -6.73 24.88 -2.56
C TRP C 109 -5.27 24.56 -2.40
N LYS C 110 -4.98 23.29 -2.16
CA LYS C 110 -3.58 22.85 -2.03
C LYS C 110 -2.74 23.21 -3.25
N SER C 111 -3.34 23.03 -4.43
CA SER C 111 -2.63 23.21 -5.69
C SER C 111 -2.15 24.64 -5.90
N ILE C 112 -2.89 25.61 -5.37
CA ILE C 112 -2.58 27.04 -5.57
C ILE C 112 -1.95 27.71 -4.35
N ASN C 113 -1.74 26.95 -3.27
CA ASN C 113 -1.16 27.48 -2.04
C ASN C 113 0.18 26.82 -1.70
N SER C 114 0.92 27.44 -0.79
CA SER C 114 2.21 26.90 -0.36
C SER C 114 2.02 25.59 0.37
N SER C 115 3.09 24.80 0.42
CA SER C 115 3.04 23.49 1.04
C SER C 115 2.60 23.61 2.49
N LEU C 116 1.79 22.65 2.94
CA LEU C 116 1.46 22.53 4.35
C LEU C 116 2.67 22.01 5.11
N LYS C 117 2.64 22.13 6.42
CA LYS C 117 3.80 21.79 7.25
C LYS C 117 4.07 20.30 7.26
N ASN C 118 5.34 19.93 7.12
CA ASN C 118 5.75 18.53 7.30
C ASN C 118 5.62 18.16 8.76
N PHE C 119 5.11 16.96 9.00
CA PHE C 119 4.99 16.40 10.33
C PHE C 119 6.34 16.40 11.00
N ASP C 120 6.39 16.84 12.24
CA ASP C 120 7.64 16.91 12.99
C ASP C 120 7.45 16.08 14.25
N VAL C 121 8.25 15.02 14.38
CA VAL C 121 8.08 14.08 15.48
C VAL C 121 8.39 14.73 16.84
N GLU C 122 9.33 15.66 16.88
CA GLU C 122 9.70 16.34 18.12
C GLU C 122 8.60 17.29 18.59
N GLU C 123 8.01 18.01 17.65
CA GLU C 123 6.83 18.82 17.91
C GLU C 123 5.73 17.94 18.47
N MET C 124 5.55 16.79 17.81
CA MET C 124 4.52 15.84 18.19
C MET C 124 4.75 15.25 19.58
N SER C 125 6.01 14.99 19.93
CA SER C 125 6.38 14.53 21.27
C SER C 125 6.14 15.60 22.33
N ASN C 126 6.03 16.86 21.91
CA ASN C 126 5.64 17.96 22.81
C ASN C 126 4.13 18.03 23.09
N LEU C 127 3.33 17.88 22.03
CA LEU C 127 1.86 17.87 22.15
C LEU C 127 1.32 16.61 22.86
N TYR C 128 1.89 15.44 22.54
CA TYR C 128 1.45 14.14 23.10
C TYR C 128 2.63 13.43 23.78
N PRO C 129 2.98 13.89 25.01
CA PRO C 129 4.21 13.43 25.69
C PRO C 129 4.27 11.93 26.03
N GLN D 5 -3.70 2.61 -44.89
CA GLN D 5 -2.47 2.11 -44.20
C GLN D 5 -2.86 1.17 -43.06
N LYS D 6 -3.46 1.70 -41.99
CA LYS D 6 -3.83 0.92 -40.80
C LYS D 6 -5.33 0.81 -40.58
N ASN D 7 -5.75 -0.34 -40.06
CA ASN D 7 -7.17 -0.66 -39.94
C ASN D 7 -7.73 -0.35 -38.55
N LEU D 8 -8.99 0.11 -38.53
CA LEU D 8 -9.71 0.36 -37.28
C LEU D 8 -10.66 -0.80 -36.99
N LEU D 9 -10.78 -1.16 -35.71
CA LEU D 9 -11.71 -2.20 -35.27
C LEU D 9 -12.64 -1.68 -34.20
N CYS D 10 -13.87 -2.19 -34.20
CA CYS D 10 -14.84 -1.87 -33.17
C CYS D 10 -14.19 -2.12 -31.82
N GLY D 11 -14.04 -1.06 -31.04
CA GLY D 11 -13.44 -1.17 -29.71
C GLY D 11 -14.04 -2.29 -28.88
N LYS D 12 -15.36 -2.46 -28.98
CA LYS D 12 -16.07 -3.42 -28.17
C LYS D 12 -15.95 -4.83 -28.71
N CYS D 13 -16.33 -5.06 -29.97
CA CYS D 13 -16.33 -6.43 -30.51
C CYS D 13 -15.18 -6.73 -31.47
N LYS D 14 -14.34 -5.75 -31.73
CA LYS D 14 -13.15 -5.93 -32.58
C LYS D 14 -13.43 -6.27 -34.06
N ALA D 15 -14.69 -6.22 -34.48
CA ALA D 15 -15.02 -6.41 -35.90
C ALA D 15 -14.38 -5.30 -36.74
N TYR D 16 -14.05 -5.63 -37.97
CA TYR D 16 -13.38 -4.67 -38.83
C TYR D 16 -14.26 -3.45 -39.02
N ALA D 17 -13.70 -2.27 -38.80
CA ALA D 17 -14.43 -1.01 -38.99
C ALA D 17 -14.13 -0.43 -40.36
N CYS D 18 -12.95 0.17 -40.53
CA CYS D 18 -12.54 0.78 -41.80
C CYS D 18 -11.03 0.99 -41.81
N SER D 19 -10.51 1.46 -42.94
CA SER D 19 -9.08 1.80 -43.05
C SER D 19 -8.87 3.29 -42.78
N THR D 20 -7.64 3.67 -42.41
CA THR D 20 -7.31 5.08 -42.20
C THR D 20 -7.34 5.85 -43.52
N ASP D 21 -7.07 5.16 -44.63
CA ASP D 21 -7.19 5.74 -45.98
C ASP D 21 -8.61 6.17 -46.34
N ASP D 22 -9.60 5.58 -45.68
CA ASP D 22 -11.01 5.86 -45.96
C ASP D 22 -11.56 6.96 -45.08
N ILE D 23 -10.73 7.51 -44.19
CA ILE D 23 -11.15 8.58 -43.27
C ILE D 23 -10.78 9.95 -43.82
N ARG D 24 -11.63 10.94 -43.58
CA ARG D 24 -11.33 12.33 -43.90
C ARG D 24 -11.69 13.24 -42.73
N ILE D 25 -10.97 14.36 -42.60
CA ILE D 25 -11.17 15.29 -41.50
C ILE D 25 -11.84 16.55 -41.99
N ILE D 26 -13.00 16.87 -41.45
CA ILE D 26 -13.67 18.13 -41.76
C ILE D 26 -13.47 19.09 -40.60
N LYS D 27 -12.95 20.27 -40.90
CA LYS D 27 -12.77 21.33 -39.89
C LYS D 27 -11.94 20.85 -38.68
N ASP D 28 -10.91 20.05 -38.95
CA ASP D 28 -9.92 19.66 -37.94
C ASP D 28 -10.52 19.12 -36.64
N SER D 29 -11.55 18.28 -36.77
CA SER D 29 -12.25 17.75 -35.61
C SER D 29 -13.00 16.48 -35.94
N HIS D 30 -13.85 16.56 -36.95
CA HIS D 30 -14.77 15.50 -37.28
C HIS D 30 -14.16 14.49 -38.18
N HIS D 31 -14.37 13.23 -37.84
CA HIS D 31 -13.86 12.12 -38.63
C HIS D 31 -14.95 11.43 -39.38
N ILE D 32 -14.96 11.62 -40.69
CA ILE D 32 -15.95 10.96 -41.54
C ILE D 32 -15.26 9.82 -42.27
N VAL D 33 -16.06 8.89 -42.80
CA VAL D 33 -15.56 7.68 -43.45
C VAL D 33 -16.19 7.45 -44.80
N LEU D 34 -15.36 7.49 -45.84
CA LEU D 34 -15.83 7.37 -47.22
C LEU D 34 -16.26 5.95 -47.58
N GLY D 35 -16.97 5.81 -48.68
CA GLY D 35 -17.18 4.52 -49.31
C GLY D 35 -18.45 3.84 -48.83
N GLU D 36 -19.16 3.21 -49.76
CA GLU D 36 -20.45 2.57 -49.47
C GLU D 36 -20.28 1.22 -48.76
N ALA D 37 -19.08 0.67 -48.86
CA ALA D 37 -18.74 -0.55 -48.15
C ALA D 37 -19.00 -0.37 -46.67
N PHE D 38 -18.38 0.66 -46.10
CA PHE D 38 -18.47 0.93 -44.68
C PHE D 38 -19.89 0.86 -44.16
N LYS D 39 -20.83 1.41 -44.91
CA LYS D 39 -22.22 1.53 -44.48
C LYS D 39 -22.88 0.19 -44.16
N GLU D 40 -22.39 -0.87 -44.80
CA GLU D 40 -22.83 -2.23 -44.50
C GLU D 40 -22.40 -2.70 -43.10
N ARG D 41 -21.46 -2.00 -42.47
CA ARG D 41 -20.88 -2.49 -41.23
C ARG D 41 -21.49 -1.84 -39.98
N TYR D 42 -22.37 -0.86 -40.18
CA TYR D 42 -23.14 -0.29 -39.08
C TYR D 42 -24.63 -0.23 -39.38
N THR D 43 -25.42 -0.10 -38.33
CA THR D 43 -26.84 0.19 -38.44
C THR D 43 -27.12 1.53 -37.77
N THR D 44 -28.27 2.12 -38.09
CA THR D 44 -28.66 3.39 -37.51
C THR D 44 -30.07 3.37 -36.94
N LYS D 45 -30.22 4.01 -35.78
CA LYS D 45 -31.50 4.38 -35.20
C LYS D 45 -31.46 5.91 -35.03
N PRO D 46 -32.63 6.57 -35.11
CA PRO D 46 -32.66 8.04 -35.16
C PRO D 46 -32.23 8.71 -33.85
N HIS D 47 -31.70 9.92 -33.98
CA HIS D 47 -31.27 10.71 -32.83
C HIS D 47 -32.39 11.20 -31.97
N LYS D 48 -32.41 10.74 -30.71
CA LYS D 48 -33.45 11.11 -29.74
C LYS D 48 -33.68 12.62 -29.55
N LYS D 49 -32.69 13.45 -29.90
CA LYS D 49 -32.74 14.89 -29.66
C LYS D 49 -31.85 15.65 -30.66
N PRO D 50 -32.47 16.41 -31.59
CA PRO D 50 -31.77 17.11 -32.69
C PRO D 50 -30.66 18.06 -32.27
N MET D 51 -29.47 17.92 -32.88
CA MET D 51 -28.48 19.01 -32.82
C MET D 51 -27.78 19.28 -34.17
N GLN D 52 -27.88 20.54 -34.61
CA GLN D 52 -27.13 21.05 -35.74
C GLN D 52 -26.00 21.97 -35.24
N PHE D 53 -24.81 21.78 -35.81
CA PHE D 53 -23.61 22.48 -35.39
C PHE D 53 -22.58 22.41 -36.53
N ASP D 54 -21.62 23.33 -36.54
CA ASP D 54 -20.66 23.48 -37.66
C ASP D 54 -21.40 23.57 -39.00
N GLY D 55 -21.02 22.75 -39.98
CA GLY D 55 -21.81 22.63 -41.21
C GLY D 55 -22.90 21.58 -41.07
N PHE D 56 -22.81 20.74 -40.04
CA PHE D 56 -23.62 19.53 -39.96
C PHE D 56 -25.03 19.72 -39.40
N GLU D 57 -25.96 18.94 -39.95
CA GLU D 57 -27.23 18.62 -39.28
C GLU D 57 -27.24 17.13 -38.97
N LYS D 58 -27.53 16.78 -37.73
CA LYS D 58 -27.54 15.38 -37.31
C LYS D 58 -28.72 14.66 -37.95
N LYS D 59 -28.52 13.41 -38.35
CA LYS D 59 -29.60 12.57 -38.90
C LYS D 59 -29.90 11.35 -38.03
N SER D 60 -28.86 10.68 -37.56
CA SER D 60 -29.02 9.41 -36.82
C SER D 60 -27.79 9.07 -35.99
N LYS D 61 -27.91 8.01 -35.20
CA LYS D 61 -26.79 7.46 -34.43
C LYS D 61 -26.28 6.21 -35.15
N MET D 62 -24.98 5.90 -35.02
CA MET D 62 -24.39 4.71 -35.63
C MET D 62 -24.13 3.66 -34.58
N TYR D 63 -24.42 2.41 -34.91
CA TYR D 63 -24.14 1.30 -34.02
C TYR D 63 -23.49 0.17 -34.79
N CYS D 64 -22.48 -0.47 -34.17
CA CYS D 64 -21.86 -1.67 -34.74
C CYS D 64 -22.96 -2.63 -35.18
N ARG D 65 -22.84 -3.17 -36.38
CA ARG D 65 -23.90 -4.01 -36.92
C ARG D 65 -23.95 -5.36 -36.21
N ASN D 66 -22.81 -5.84 -35.71
CA ASN D 66 -22.79 -7.08 -34.92
C ASN D 66 -23.84 -6.98 -33.82
N ASN D 67 -24.89 -7.78 -33.96
CA ASN D 67 -26.05 -7.70 -33.08
C ASN D 67 -25.67 -7.85 -31.60
N ASN D 68 -24.64 -8.65 -31.33
CA ASN D 68 -24.18 -8.87 -29.96
C ASN D 68 -23.32 -7.75 -29.40
N CYS D 69 -23.09 -6.71 -30.22
CA CYS D 69 -22.17 -5.64 -29.87
C CYS D 69 -22.91 -4.31 -29.80
N GLN D 70 -23.42 -3.85 -30.94
CA GLN D 70 -24.14 -2.58 -31.05
C GLN D 70 -23.44 -1.39 -30.37
N HIS D 71 -22.11 -1.39 -30.40
CA HIS D 71 -21.30 -0.32 -29.81
C HIS D 71 -21.59 0.98 -30.49
N ASP D 72 -21.64 2.06 -29.72
CA ASP D 72 -21.89 3.38 -30.29
C ASP D 72 -20.70 3.81 -31.13
N TRP D 73 -20.93 3.96 -32.43
CA TRP D 73 -19.87 4.29 -33.38
C TRP D 73 -19.80 5.74 -33.76
N GLY D 74 -20.92 6.46 -33.62
CA GLY D 74 -20.96 7.88 -33.98
C GLY D 74 -22.33 8.35 -34.38
N ILE D 75 -22.38 9.23 -35.39
CA ILE D 75 -23.63 9.74 -35.95
C ILE D 75 -23.54 9.88 -37.48
N THR D 76 -24.67 9.92 -38.16
CA THR D 76 -24.68 10.33 -39.56
C THR D 76 -25.21 11.76 -39.60
N VAL D 77 -24.74 12.51 -40.59
CA VAL D 77 -25.07 13.92 -40.73
C VAL D 77 -25.23 14.32 -42.19
N LYS D 78 -25.86 15.47 -42.42
CA LYS D 78 -25.82 16.11 -43.72
C LYS D 78 -24.90 17.32 -43.63
N TYR D 79 -23.93 17.37 -44.54
CA TYR D 79 -22.98 18.46 -44.64
C TYR D 79 -22.99 18.90 -46.10
N LEU D 80 -23.24 20.19 -46.32
CA LEU D 80 -23.35 20.72 -47.67
C LEU D 80 -24.44 19.95 -48.43
N THR D 81 -24.09 19.28 -49.53
CA THR D 81 -25.06 18.46 -50.27
C THR D 81 -25.00 16.98 -49.86
N PHE D 82 -24.05 16.63 -48.99
CA PHE D 82 -23.77 15.23 -48.69
C PHE D 82 -24.52 14.72 -47.47
N ASP D 83 -25.59 13.97 -47.72
CA ASP D 83 -26.44 13.42 -46.65
C ASP D 83 -25.91 12.06 -46.21
N ASN D 84 -26.40 11.59 -45.07
CA ASN D 84 -26.07 10.26 -44.54
C ASN D 84 -24.56 10.01 -44.60
N LEU D 85 -23.83 11.04 -44.17
CA LEU D 85 -22.39 11.04 -44.10
C LEU D 85 -21.98 10.59 -42.70
N PRO D 86 -21.33 9.42 -42.59
CA PRO D 86 -20.98 8.88 -41.28
C PRO D 86 -19.80 9.57 -40.61
N VAL D 87 -20.01 10.09 -39.41
CA VAL D 87 -18.94 10.66 -38.60
C VAL D 87 -18.70 9.68 -37.45
N ILE D 88 -17.46 9.20 -37.32
CA ILE D 88 -17.14 8.23 -36.27
C ILE D 88 -16.62 8.87 -34.98
N LYS D 89 -16.86 8.17 -33.87
CA LYS D 89 -16.43 8.57 -32.53
C LYS D 89 -15.07 7.93 -32.21
N ILE D 90 -14.02 8.75 -32.14
CA ILE D 90 -12.62 8.24 -32.12
C ILE D 90 -12.26 7.39 -30.89
N LYS D 91 -13.04 7.55 -29.82
CA LYS D 91 -12.88 6.75 -28.62
C LYS D 91 -13.51 5.38 -28.72
N SER D 92 -14.32 5.17 -29.76
CA SER D 92 -15.06 3.92 -29.94
C SER D 92 -14.29 2.85 -30.70
N PHE D 93 -13.09 3.19 -31.20
CA PHE D 93 -12.32 2.25 -32.03
C PHE D 93 -10.90 1.98 -31.53
N VAL D 94 -10.37 0.82 -31.95
CA VAL D 94 -8.98 0.42 -31.68
C VAL D 94 -8.31 0.03 -32.97
N MET D 95 -7.00 -0.21 -32.91
CA MET D 95 -6.23 -0.58 -34.10
C MET D 95 -5.88 -2.07 -34.11
N GLU D 96 -5.87 -2.65 -35.30
CA GLU D 96 -5.43 -4.02 -35.52
C GLU D 96 -3.97 -4.20 -35.01
N SER D 97 -3.50 -5.43 -34.79
CA SER D 97 -2.13 -5.65 -34.31
C SER D 97 -1.51 -6.94 -34.87
N GLN D 103 -1.20 -4.03 -28.55
CA GLN D 103 -2.28 -3.32 -29.24
C GLN D 103 -2.50 -1.90 -28.67
N MET D 104 -3.08 -1.02 -29.49
CA MET D 104 -3.39 0.35 -29.07
C MET D 104 -4.77 0.81 -29.58
N ASP D 105 -5.29 1.90 -29.01
CA ASP D 105 -6.55 2.50 -29.48
C ASP D 105 -6.31 3.60 -30.54
N PHE D 106 -7.38 4.03 -31.19
CA PHE D 106 -7.31 4.95 -32.33
C PHE D 106 -6.83 6.34 -31.90
N GLN D 107 -7.35 6.81 -30.78
CA GLN D 107 -6.87 8.05 -30.18
C GLN D 107 -5.34 8.06 -30.15
N LYS D 108 -4.77 7.09 -29.43
CA LYS D 108 -3.34 6.95 -29.32
C LYS D 108 -2.69 6.96 -30.69
N TRP D 109 -3.24 6.14 -31.59
CA TRP D 109 -2.67 6.00 -32.93
C TRP D 109 -2.54 7.33 -33.61
N LYS D 110 -3.62 8.12 -33.59
CA LYS D 110 -3.59 9.46 -34.19
C LYS D 110 -2.44 10.31 -33.66
N SER D 111 -2.25 10.25 -32.34
CA SER D 111 -1.28 11.10 -31.65
C SER D 111 0.15 10.89 -32.12
N ILE D 112 0.47 9.66 -32.51
CA ILE D 112 1.84 9.29 -32.91
C ILE D 112 2.03 9.15 -34.43
N ASN D 113 0.96 9.39 -35.20
CA ASN D 113 1.00 9.27 -36.65
C ASN D 113 0.74 10.60 -37.33
N SER D 114 1.06 10.67 -38.62
CA SER D 114 0.85 11.89 -39.41
C SER D 114 -0.64 12.16 -39.53
N SER D 115 -0.96 13.42 -39.83
CA SER D 115 -2.36 13.83 -39.95
C SER D 115 -3.07 13.02 -41.01
N LEU D 116 -4.33 12.68 -40.73
CA LEU D 116 -5.19 12.06 -41.75
C LEU D 116 -5.54 13.11 -42.79
N LYS D 117 -6.08 12.66 -43.92
CA LYS D 117 -6.37 13.55 -45.04
C LYS D 117 -7.53 14.49 -44.75
N ASN D 118 -7.35 15.76 -45.09
CA ASN D 118 -8.46 16.70 -45.00
C ASN D 118 -9.49 16.35 -46.07
N PHE D 119 -10.76 16.43 -45.68
CA PHE D 119 -11.88 16.25 -46.57
C PHE D 119 -11.77 17.20 -47.76
N ASP D 120 -11.96 16.66 -48.95
CA ASP D 120 -11.84 17.47 -50.16
C ASP D 120 -13.16 17.36 -50.89
N VAL D 121 -13.84 18.48 -51.03
CA VAL D 121 -15.18 18.48 -51.62
C VAL D 121 -15.17 18.06 -53.08
N GLU D 122 -14.12 18.39 -53.82
CA GLU D 122 -14.01 18.04 -55.25
C GLU D 122 -13.79 16.54 -55.44
N GLU D 123 -12.95 15.96 -54.58
CA GLU D 123 -12.79 14.51 -54.50
C GLU D 123 -14.14 13.86 -54.21
N MET D 124 -14.85 14.44 -53.25
CA MET D 124 -16.14 13.94 -52.81
C MET D 124 -17.18 14.01 -53.92
N SER D 125 -17.16 15.10 -54.69
CA SER D 125 -18.05 15.26 -55.85
C SER D 125 -17.74 14.23 -56.94
N ASN D 126 -16.53 13.67 -56.92
CA ASN D 126 -16.15 12.58 -57.82
C ASN D 126 -16.72 11.22 -57.40
N LEU D 127 -16.60 10.90 -56.11
CA LEU D 127 -17.15 9.65 -55.55
C LEU D 127 -18.69 9.60 -55.49
N TYR D 128 -19.32 10.73 -55.15
CA TYR D 128 -20.79 10.84 -55.05
C TYR D 128 -21.31 11.97 -55.96
N PRO D 129 -21.40 11.71 -57.28
CA PRO D 129 -21.67 12.77 -58.27
C PRO D 129 -23.05 13.44 -58.13
#